data_3F72
#
_entry.id   3F72
#
_cell.length_a   89.471
_cell.length_b   89.471
_cell.length_c   148.536
_cell.angle_alpha   90.00
_cell.angle_beta   90.00
_cell.angle_gamma   90.00
#
_symmetry.space_group_name_H-M   'P 43'
#
loop_
_entity.id
_entity.type
_entity.pdbx_description
1 polymer 'Cadmium efflux system accessory protein'
2 non-polymer 'SODIUM ION'
3 water water
#
_entity_poly.entity_id   1
_entity_poly.type   'polypeptide(L)'
_entity_poly.pdbx_seq_one_letter_code
;MKKKDTCEIFGYDEEKVNRIQGDLQTVDISGVSQILKAIADENRAKITYALCQDEELCVCDIANILGVTIANASHHLRTL
YKQGVVNFRKEGKLALYSLGGEAIRQIMMIALAHKKEVKVNV
;
_entity_poly.pdbx_strand_id   A,B,C,D,E,F
#
# COMPACT_ATOMS: atom_id res chain seq x y z
N ILE A 9 8.93 -23.41 11.38
CA ILE A 9 8.59 -22.82 12.70
C ILE A 9 8.37 -23.88 13.78
N PHE A 10 8.76 -23.47 14.98
CA PHE A 10 8.75 -24.27 16.15
C PHE A 10 7.61 -23.80 17.03
N GLY A 11 6.55 -23.37 16.34
CA GLY A 11 5.60 -22.49 16.95
C GLY A 11 4.21 -22.90 16.56
N TYR A 12 3.34 -21.90 16.66
CA TYR A 12 1.95 -22.21 16.54
C TYR A 12 1.17 -21.13 15.78
N ASP A 13 0.77 -21.49 14.56
CA ASP A 13 -0.02 -20.63 13.66
C ASP A 13 0.55 -19.26 13.57
N GLU A 14 1.87 -19.20 13.38
CA GLU A 14 2.66 -18.04 13.59
C GLU A 14 2.38 -16.88 12.65
N GLU A 15 1.90 -17.21 11.47
CA GLU A 15 1.63 -16.28 10.36
C GLU A 15 0.43 -15.37 10.69
N LYS A 16 -0.60 -16.07 11.18
CA LYS A 16 -1.90 -15.53 11.57
C LYS A 16 -1.75 -14.62 12.78
N VAL A 17 -0.90 -15.06 13.72
CA VAL A 17 -0.69 -14.44 15.04
C VAL A 17 0.06 -13.13 14.81
N ASN A 18 1.14 -13.28 14.01
CA ASN A 18 1.91 -12.12 13.45
C ASN A 18 1.04 -11.14 12.76
N ARG A 19 0.15 -11.60 11.91
CA ARG A 19 -0.66 -10.65 11.20
C ARG A 19 -1.73 -10.03 12.13
N ILE A 20 -2.24 -10.71 13.14
CA ILE A 20 -3.32 -10.12 13.94
C ILE A 20 -2.67 -9.25 14.94
N GLN A 21 -1.48 -9.61 15.43
CA GLN A 21 -0.66 -8.70 16.20
C GLN A 21 -0.28 -7.42 15.55
N GLY A 22 0.09 -7.45 14.26
CA GLY A 22 0.26 -6.25 13.36
C GLY A 22 -1.02 -5.43 13.24
N ASP A 23 -2.18 -6.02 12.96
CA ASP A 23 -3.44 -5.28 13.06
C ASP A 23 -3.72 -4.55 14.37
N LEU A 24 -3.46 -5.20 15.49
CA LEU A 24 -3.66 -4.64 16.78
C LEU A 24 -2.79 -3.41 16.96
N GLN A 25 -1.49 -3.48 16.61
CA GLN A 25 -0.58 -2.32 16.57
C GLN A 25 -1.11 -1.08 15.72
N THR A 26 -2.10 -1.30 14.85
CA THR A 26 -2.67 -0.20 14.07
C THR A 26 -3.79 0.56 14.81
N VAL A 27 -4.31 0.06 15.93
CA VAL A 27 -5.51 0.69 16.44
C VAL A 27 -5.23 0.98 17.87
N ASP A 28 -6.02 1.90 18.46
CA ASP A 28 -5.85 2.36 19.85
C ASP A 28 -6.72 1.47 20.78
N ILE A 29 -6.27 0.26 21.06
CA ILE A 29 -6.99 -0.64 21.92
C ILE A 29 -6.99 -0.18 23.37
N SER A 30 -5.92 0.43 23.82
CA SER A 30 -5.89 1.13 25.12
C SER A 30 -6.98 2.20 25.30
N GLY A 31 -7.10 3.10 24.35
CA GLY A 31 -8.11 4.10 24.24
C GLY A 31 -9.49 3.50 24.13
N VAL A 32 -9.71 2.37 23.52
CA VAL A 32 -11.07 1.80 23.55
C VAL A 32 -11.57 1.23 24.82
N SER A 33 -10.68 0.55 25.60
CA SER A 33 -10.92 0.14 26.98
C SER A 33 -11.23 1.34 27.83
N GLN A 34 -10.50 2.45 27.68
CA GLN A 34 -10.87 3.69 28.41
C GLN A 34 -12.31 4.14 28.15
N ILE A 35 -12.72 4.31 26.87
CA ILE A 35 -14.04 4.74 26.56
C ILE A 35 -15.12 3.78 26.95
N LEU A 36 -14.90 2.48 26.70
CA LEU A 36 -15.89 1.52 27.17
C LEU A 36 -15.93 1.44 28.67
N LYS A 37 -14.83 1.73 29.34
CA LYS A 37 -14.86 1.71 30.88
C LYS A 37 -15.66 2.92 31.43
N ALA A 38 -15.49 4.07 30.77
CA ALA A 38 -16.29 5.25 31.10
C ALA A 38 -17.75 4.93 31.02
N ILE A 39 -18.23 4.47 29.85
CA ILE A 39 -19.62 4.07 29.68
C ILE A 39 -20.16 2.92 30.51
N ALA A 40 -19.34 1.96 30.88
CA ALA A 40 -19.83 0.69 31.42
C ALA A 40 -20.39 0.82 32.82
N ASP A 41 -19.91 1.80 33.52
CA ASP A 41 -20.26 1.97 34.89
C ASP A 41 -21.79 2.08 35.01
N GLU A 42 -22.39 1.59 36.04
CA GLU A 42 -23.85 1.60 36.17
C GLU A 42 -24.47 3.02 35.97
N ASN A 43 -24.01 3.95 36.76
CA ASN A 43 -24.53 5.35 36.71
C ASN A 43 -24.11 6.06 35.44
N ARG A 44 -22.86 5.89 35.04
CA ARG A 44 -22.51 6.40 33.68
C ARG A 44 -23.30 5.99 32.44
N ALA A 45 -23.75 4.75 32.49
CA ALA A 45 -24.50 4.14 31.41
C ALA A 45 -25.92 4.69 31.41
N LYS A 46 -26.49 4.73 32.62
CA LYS A 46 -27.72 5.62 32.88
C LYS A 46 -27.53 7.05 32.34
N ILE A 47 -26.42 7.69 32.60
CA ILE A 47 -26.31 9.00 32.02
C ILE A 47 -26.31 9.00 30.49
N THR A 48 -25.63 8.01 29.88
CA THR A 48 -25.38 8.09 28.47
C THR A 48 -26.69 7.84 27.91
N TYR A 49 -27.40 6.94 28.54
CA TYR A 49 -28.67 6.59 27.99
C TYR A 49 -29.68 7.74 28.04
N ALA A 50 -29.84 8.38 29.17
CA ALA A 50 -30.66 9.59 29.23
C ALA A 50 -30.33 10.60 28.10
N LEU A 51 -29.04 10.76 27.78
CA LEU A 51 -28.62 11.77 26.78
C LEU A 51 -28.99 11.26 25.35
N CYS A 52 -29.48 10.02 25.30
CA CYS A 52 -29.88 9.48 23.99
C CYS A 52 -31.29 9.94 23.77
N GLN A 53 -32.02 10.13 24.89
CA GLN A 53 -33.44 10.40 24.86
C GLN A 53 -33.76 11.89 24.86
N ASP A 54 -32.93 12.73 25.49
CA ASP A 54 -33.12 14.22 25.52
C ASP A 54 -31.81 14.90 25.16
N GLU A 55 -31.83 16.02 24.44
CA GLU A 55 -30.56 16.58 23.89
C GLU A 55 -29.61 17.04 24.97
N GLU A 56 -30.14 17.82 25.90
CA GLU A 56 -29.37 18.47 27.00
C GLU A 56 -30.00 18.29 28.38
N LEU A 57 -29.12 18.06 29.36
CA LEU A 57 -29.49 17.88 30.73
C LEU A 57 -28.49 18.69 31.59
N CYS A 58 -28.89 19.24 32.74
CA CYS A 58 -27.82 19.98 33.52
C CYS A 58 -27.33 19.03 34.60
N VAL A 59 -26.34 19.38 35.39
CA VAL A 59 -25.90 18.34 36.30
C VAL A 59 -26.94 17.94 37.31
N CYS A 60 -27.75 18.91 37.80
CA CYS A 60 -28.80 18.66 38.76
C CYS A 60 -29.92 17.68 38.24
N ASP A 61 -30.37 17.78 36.98
CA ASP A 61 -31.21 16.76 36.34
C ASP A 61 -30.64 15.36 36.53
N ILE A 62 -29.39 15.25 36.11
CA ILE A 62 -28.55 14.05 36.35
C ILE A 62 -28.39 13.67 37.80
N ALA A 63 -27.97 14.58 38.71
CA ALA A 63 -28.07 14.14 40.11
C ALA A 63 -29.48 13.54 40.46
N ASN A 64 -30.55 14.22 40.00
CA ASN A 64 -31.89 13.83 40.39
C ASN A 64 -32.37 12.60 39.59
N ILE A 65 -32.22 12.55 38.24
CA ILE A 65 -32.40 11.23 37.49
C ILE A 65 -31.79 10.03 38.22
N LEU A 66 -30.52 10.10 38.62
CA LEU A 66 -29.84 8.96 39.28
C LEU A 66 -30.11 8.73 40.70
N GLY A 67 -30.61 9.80 41.35
CA GLY A 67 -30.77 9.81 42.79
C GLY A 67 -29.46 9.85 43.49
N VAL A 68 -28.52 10.70 42.96
CA VAL A 68 -27.21 10.83 43.64
C VAL A 68 -26.88 12.35 44.07
N THR A 69 -25.96 12.55 45.01
CA THR A 69 -25.47 13.95 45.26
C THR A 69 -24.98 14.53 43.92
N ILE A 70 -24.95 15.86 43.81
CA ILE A 70 -24.39 16.61 42.69
C ILE A 70 -22.85 16.36 42.57
N ALA A 71 -22.17 16.19 43.71
CA ALA A 71 -20.77 15.92 43.64
C ALA A 71 -20.59 14.55 42.91
N ASN A 72 -21.39 13.57 43.24
CA ASN A 72 -21.38 12.27 42.57
C ASN A 72 -21.63 12.42 41.10
N ALA A 73 -22.63 13.21 40.76
CA ALA A 73 -22.92 13.49 39.37
C ALA A 73 -21.84 14.22 38.55
N SER A 74 -21.24 15.27 39.15
CA SER A 74 -20.12 15.94 38.50
C SER A 74 -18.97 15.01 38.26
N HIS A 75 -18.65 14.15 39.21
CA HIS A 75 -17.55 13.22 39.06
C HIS A 75 -17.77 12.35 37.81
N HIS A 76 -18.96 11.75 37.72
CA HIS A 76 -19.33 10.90 36.62
C HIS A 76 -19.31 11.65 35.34
N LEU A 77 -19.65 12.93 35.37
CA LEU A 77 -19.71 13.63 34.12
C LEU A 77 -18.34 14.03 33.55
N ARG A 78 -17.43 14.20 34.49
CA ARG A 78 -16.07 14.61 34.19
C ARG A 78 -15.43 13.38 33.46
N THR A 79 -15.47 12.25 34.15
CA THR A 79 -15.18 10.98 33.52
C THR A 79 -15.71 10.78 32.14
N LEU A 80 -16.95 11.11 31.91
CA LEU A 80 -17.52 11.00 30.58
C LEU A 80 -16.95 11.92 29.53
N TYR A 81 -16.64 13.11 30.03
CA TYR A 81 -16.21 14.24 29.23
C TYR A 81 -14.79 14.04 28.68
N LYS A 82 -13.90 13.60 29.57
CA LYS A 82 -12.54 13.33 29.21
C LYS A 82 -12.49 12.29 28.08
N GLN A 83 -13.40 11.30 28.05
CA GLN A 83 -13.40 10.26 27.03
C GLN A 83 -14.18 10.66 25.80
N GLY A 84 -14.86 11.80 25.86
CA GLY A 84 -15.62 12.28 24.71
C GLY A 84 -16.97 11.63 24.63
N VAL A 85 -17.37 10.93 25.69
CA VAL A 85 -18.74 10.39 25.73
C VAL A 85 -19.77 11.53 25.82
N VAL A 86 -19.41 12.60 26.57
CA VAL A 86 -20.30 13.79 26.64
C VAL A 86 -19.63 15.10 26.28
N ASN A 87 -20.43 15.96 25.63
CA ASN A 87 -20.19 17.40 25.41
C ASN A 87 -20.79 18.23 26.53
N PHE A 88 -20.29 19.45 26.69
CA PHE A 88 -21.02 20.50 27.43
C PHE A 88 -20.95 21.88 26.71
N ARG A 89 -21.63 22.90 27.27
CA ARG A 89 -21.52 24.29 26.81
C ARG A 89 -22.10 25.14 27.92
N LYS A 90 -21.30 26.07 28.50
CA LYS A 90 -21.73 26.94 29.62
C LYS A 90 -22.23 28.26 29.08
N GLY A 92 -25.89 29.93 30.30
CA GLY A 92 -25.43 31.17 30.90
C GLY A 92 -24.29 30.90 31.87
N LYS A 93 -24.59 30.84 33.18
CA LYS A 93 -23.61 30.33 34.17
C LYS A 93 -23.57 28.82 34.00
N LEU A 94 -24.69 28.26 33.51
CA LEU A 94 -24.92 26.80 33.64
C LEU A 94 -24.69 25.85 32.46
N ALA A 95 -23.65 25.04 32.65
CA ALA A 95 -23.38 23.81 31.89
C ALA A 95 -24.63 23.01 31.46
N LEU A 96 -24.76 22.86 30.15
CA LEU A 96 -25.70 21.94 29.54
C LEU A 96 -24.92 20.74 28.93
N TYR A 97 -25.42 19.53 29.09
CA TYR A 97 -24.65 18.40 28.63
C TYR A 97 -25.39 17.64 27.60
N SER A 98 -24.65 17.17 26.63
CA SER A 98 -25.21 16.40 25.52
C SER A 98 -24.22 15.27 25.17
N LEU A 99 -24.71 14.36 24.34
CA LEU A 99 -23.98 13.21 23.87
C LEU A 99 -22.74 13.68 23.09
N GLY A 100 -21.56 13.18 23.42
CA GLY A 100 -20.38 13.57 22.66
C GLY A 100 -20.34 13.27 21.14
N GLY A 101 -21.37 12.66 20.56
CA GLY A 101 -21.41 12.35 19.13
C GLY A 101 -22.39 11.24 18.84
N GLU A 102 -22.91 11.24 17.62
CA GLU A 102 -23.78 10.16 17.10
C GLU A 102 -23.21 8.69 17.28
N ALA A 103 -21.88 8.54 17.24
CA ALA A 103 -21.17 7.30 17.63
C ALA A 103 -21.66 6.68 18.95
N ILE A 104 -21.76 7.54 19.97
CA ILE A 104 -22.20 7.20 21.35
C ILE A 104 -23.66 6.76 21.45
N ARG A 105 -24.50 7.33 20.61
CA ARG A 105 -25.87 6.86 20.53
C ARG A 105 -25.90 5.45 19.91
N GLN A 106 -25.05 5.23 18.89
CA GLN A 106 -24.93 3.91 18.29
C GLN A 106 -24.48 2.87 19.34
N ILE A 107 -23.42 3.19 20.07
CA ILE A 107 -22.86 2.23 21.00
C ILE A 107 -23.94 1.71 21.94
N MET A 108 -24.69 2.61 22.52
CA MET A 108 -25.75 2.30 23.47
C MET A 108 -26.93 1.55 22.83
N MET A 109 -27.31 1.99 21.64
CA MET A 109 -28.52 1.48 21.07
C MET A 109 -28.28 0.07 20.49
N ILE A 110 -27.11 -0.18 19.90
CA ILE A 110 -26.65 -1.52 19.49
C ILE A 110 -26.50 -2.47 20.67
N ALA A 111 -25.85 -1.98 21.70
CA ALA A 111 -25.73 -2.66 22.99
C ALA A 111 -27.10 -3.09 23.50
N LEU A 112 -27.98 -2.12 23.74
CA LEU A 112 -29.43 -2.38 23.95
C LEU A 112 -30.07 -3.52 23.07
N ALA A 113 -30.14 -3.32 21.77
CA ALA A 113 -30.55 -4.32 20.79
C ALA A 113 -29.88 -5.70 20.95
N HIS A 114 -28.57 -5.78 21.08
CA HIS A 114 -27.91 -7.08 21.35
C HIS A 114 -28.49 -7.91 22.53
N LYS A 115 -28.53 -7.33 23.72
CA LYS A 115 -28.98 -8.08 24.90
C LYS A 115 -30.43 -8.58 24.75
N LYS A 116 -31.13 -8.16 23.69
CA LYS A 116 -32.50 -8.65 23.30
C LYS A 116 -32.45 -9.92 22.42
N PHE B 10 -41.22 23.37 44.10
CA PHE B 10 -41.65 22.08 44.57
C PHE B 10 -40.38 21.34 45.15
N GLY B 11 -39.57 20.80 44.16
CA GLY B 11 -38.29 20.05 44.21
C GLY B 11 -37.49 20.48 42.95
N TYR B 12 -36.92 19.58 42.14
CA TYR B 12 -36.25 20.07 40.91
C TYR B 12 -36.41 19.34 39.57
N ASP B 13 -37.01 20.06 38.62
CA ASP B 13 -37.35 19.50 37.35
C ASP B 13 -38.02 18.15 37.45
N GLU B 14 -39.02 18.02 38.27
CA GLU B 14 -39.49 16.72 38.71
C GLU B 14 -40.14 15.81 37.71
N GLU B 15 -40.82 16.44 36.74
CA GLU B 15 -41.63 15.71 35.81
C GLU B 15 -40.72 15.29 34.68
N LYS B 16 -39.74 16.13 34.33
CA LYS B 16 -38.71 15.72 33.43
C LYS B 16 -37.82 14.63 34.02
N VAL B 17 -37.24 14.90 35.19
CA VAL B 17 -36.60 13.76 35.93
C VAL B 17 -37.42 12.44 35.89
N ASN B 18 -38.70 12.56 36.19
CA ASN B 18 -39.59 11.44 36.35
C ASN B 18 -39.90 10.69 35.11
N ARG B 19 -40.08 11.46 34.04
CA ARG B 19 -40.19 10.96 32.71
C ARG B 19 -38.99 10.07 32.41
N ILE B 20 -37.84 10.70 32.31
CA ILE B 20 -36.56 10.01 32.15
C ILE B 20 -36.29 8.84 33.09
N GLN B 21 -36.65 8.91 34.35
CA GLN B 21 -36.49 7.69 35.19
C GLN B 21 -37.32 6.53 34.71
N GLY B 22 -38.43 6.89 34.03
CA GLY B 22 -39.41 5.96 33.49
C GLY B 22 -38.91 5.33 32.20
N ASP B 23 -38.39 6.09 31.23
CA ASP B 23 -37.62 5.52 30.11
C ASP B 23 -36.65 4.56 30.72
N LEU B 24 -35.72 5.04 31.53
CA LEU B 24 -34.63 4.17 31.99
C LEU B 24 -35.08 2.89 32.51
N GLN B 25 -36.29 2.81 33.05
CA GLN B 25 -36.68 1.61 33.78
C GLN B 25 -37.18 0.50 32.86
N THR B 26 -37.50 0.89 31.64
CA THR B 26 -37.96 -0.02 30.63
C THR B 26 -36.77 -0.62 29.80
N VAL B 27 -35.55 -0.24 30.15
CA VAL B 27 -34.43 -0.58 29.29
C VAL B 27 -33.41 -1.36 30.06
N ASP B 28 -32.74 -2.29 29.43
CA ASP B 28 -31.80 -3.07 30.23
C ASP B 28 -30.46 -2.38 30.32
N ILE B 29 -30.40 -1.23 31.02
CA ILE B 29 -29.13 -0.50 31.19
C ILE B 29 -28.19 -1.41 31.98
N SER B 30 -28.68 -2.09 32.97
CA SER B 30 -27.86 -2.95 33.74
C SER B 30 -27.09 -4.00 32.92
N GLY B 31 -27.77 -4.66 31.97
CA GLY B 31 -27.18 -5.66 31.08
C GLY B 31 -26.19 -5.11 30.09
N VAL B 32 -26.43 -3.87 29.63
CA VAL B 32 -25.49 -3.14 28.74
C VAL B 32 -24.16 -2.85 29.45
N SER B 33 -24.30 -2.39 30.64
CA SER B 33 -23.20 -2.09 31.45
C SER B 33 -22.38 -3.37 31.71
N GLN B 34 -23.07 -4.48 31.78
CA GLN B 34 -22.36 -5.82 31.95
C GLN B 34 -21.54 -6.28 30.73
N ILE B 35 -22.08 -6.00 29.54
CA ILE B 35 -21.48 -6.25 28.25
C ILE B 35 -20.35 -5.34 28.04
N LEU B 36 -20.51 -4.05 28.19
CA LEU B 36 -19.35 -3.13 27.96
C LEU B 36 -18.19 -3.42 28.93
N LYS B 37 -18.54 -3.86 30.16
CA LYS B 37 -17.55 -4.18 31.21
C LYS B 37 -16.80 -5.37 30.80
N ALA B 38 -17.51 -6.29 30.16
CA ALA B 38 -16.87 -7.47 29.66
C ALA B 38 -15.87 -7.10 28.58
N ILE B 39 -16.29 -6.29 27.64
CA ILE B 39 -15.44 -5.92 26.54
C ILE B 39 -14.28 -4.97 27.00
N ALA B 40 -14.57 -4.07 27.93
CA ALA B 40 -13.65 -2.99 28.23
C ALA B 40 -12.23 -3.33 28.80
N ASP B 41 -11.98 -4.50 29.37
CA ASP B 41 -10.69 -4.78 29.86
C ASP B 41 -9.81 -4.99 28.69
N GLU B 42 -8.63 -4.42 28.76
CA GLU B 42 -7.72 -4.30 27.67
C GLU B 42 -7.35 -5.59 26.96
N ASN B 43 -7.16 -6.66 27.70
CA ASN B 43 -6.82 -7.94 27.12
C ASN B 43 -8.02 -8.58 26.50
N ARG B 44 -9.17 -8.41 27.12
CA ARG B 44 -10.40 -8.90 26.56
C ARG B 44 -10.83 -8.07 25.27
N ALA B 45 -10.54 -6.78 25.29
CA ALA B 45 -10.74 -5.82 24.21
C ALA B 45 -9.85 -6.16 23.03
N LYS B 46 -8.67 -6.68 23.33
CA LYS B 46 -7.79 -7.32 22.35
C LYS B 46 -8.33 -8.63 21.82
N ILE B 47 -8.88 -9.53 22.69
CA ILE B 47 -9.41 -10.79 22.20
C ILE B 47 -10.57 -10.30 21.28
N THR B 48 -11.38 -9.37 21.73
CA THR B 48 -12.59 -8.98 20.99
C THR B 48 -12.26 -8.49 19.55
N TYR B 49 -11.37 -7.53 19.47
CA TYR B 49 -10.84 -7.03 18.25
C TYR B 49 -10.18 -8.10 17.35
N ALA B 50 -9.41 -9.01 17.93
CA ALA B 50 -8.80 -10.02 17.12
C ALA B 50 -9.87 -10.91 16.47
N LEU B 51 -11.08 -11.09 17.13
CA LEU B 51 -12.20 -11.93 16.55
C LEU B 51 -12.98 -11.11 15.58
N CYS B 52 -12.67 -9.84 15.45
CA CYS B 52 -13.31 -9.00 14.37
C CYS B 52 -12.50 -9.19 13.10
N GLN B 53 -11.27 -9.71 13.18
CA GLN B 53 -10.35 -9.86 12.09
C GLN B 53 -10.44 -11.28 11.53
N ASP B 54 -10.55 -12.31 12.35
CA ASP B 54 -10.72 -13.64 11.76
C ASP B 54 -11.97 -14.20 12.26
N GLU B 55 -12.58 -14.96 11.41
CA GLU B 55 -13.87 -15.54 11.65
C GLU B 55 -13.83 -16.33 12.95
N GLU B 56 -12.71 -17.06 13.18
CA GLU B 56 -12.55 -18.02 14.22
C GLU B 56 -11.12 -18.09 14.64
N LEU B 57 -10.93 -18.34 15.92
CA LEU B 57 -9.61 -18.42 16.50
C LEU B 57 -9.67 -19.39 17.64
N CYS B 58 -8.57 -20.08 17.94
CA CYS B 58 -8.58 -20.95 19.12
C CYS B 58 -7.90 -20.36 20.38
N VAL B 59 -8.01 -21.06 21.51
CA VAL B 59 -7.49 -20.49 22.68
C VAL B 59 -5.97 -20.28 22.50
N CYS B 60 -5.35 -21.17 21.74
CA CYS B 60 -3.92 -21.13 21.41
C CYS B 60 -3.52 -19.95 20.51
N ASP B 61 -4.30 -19.64 19.47
CA ASP B 61 -4.02 -18.46 18.65
C ASP B 61 -4.01 -17.32 19.61
N ILE B 62 -5.06 -17.28 20.46
CA ILE B 62 -5.31 -16.17 21.40
C ILE B 62 -4.24 -15.92 22.42
N ALA B 63 -3.76 -17.00 23.07
CA ALA B 63 -2.63 -16.84 24.01
C ALA B 63 -1.45 -16.34 23.26
N ASN B 64 -1.14 -16.95 22.13
CA ASN B 64 -0.01 -16.49 21.33
C ASN B 64 -0.11 -15.02 20.80
N ILE B 65 -1.29 -14.60 20.34
CA ILE B 65 -1.49 -13.22 19.99
C ILE B 65 -1.33 -12.33 21.22
N LEU B 66 -1.93 -12.67 22.39
CA LEU B 66 -1.75 -11.84 23.50
C LEU B 66 -0.39 -11.98 24.12
N GLY B 67 0.33 -13.09 23.87
CA GLY B 67 1.60 -13.26 24.55
C GLY B 67 1.30 -13.62 26.00
N VAL B 68 0.29 -14.47 26.18
CA VAL B 68 -0.01 -14.90 27.51
C VAL B 68 -0.04 -16.42 27.65
N THR B 69 -0.13 -16.93 28.89
CA THR B 69 -0.26 -18.38 29.05
C THR B 69 -1.64 -18.84 28.45
N ILE B 70 -1.71 -20.04 27.94
CA ILE B 70 -2.98 -20.65 27.70
C ILE B 70 -4.01 -20.58 28.81
N ALA B 71 -3.63 -20.73 30.10
CA ALA B 71 -4.57 -20.63 31.19
C ALA B 71 -5.21 -19.23 31.29
N ASN B 72 -4.36 -18.23 31.13
CA ASN B 72 -4.71 -16.84 31.27
C ASN B 72 -5.61 -16.42 30.06
N ALA B 73 -5.36 -16.94 28.85
CA ALA B 73 -6.28 -16.67 27.73
C ALA B 73 -7.66 -17.30 28.04
N SER B 74 -7.69 -18.43 28.77
CA SER B 74 -8.91 -19.30 28.89
C SER B 74 -9.85 -18.61 29.85
N HIS B 75 -9.27 -17.87 30.73
CA HIS B 75 -10.02 -17.19 31.75
C HIS B 75 -10.60 -15.95 31.15
N HIS B 76 -9.85 -15.23 30.30
CA HIS B 76 -10.53 -14.04 29.71
C HIS B 76 -11.56 -14.57 28.76
N LEU B 77 -11.34 -15.70 28.13
CA LEU B 77 -12.39 -16.17 27.20
C LEU B 77 -13.68 -16.69 27.84
N ARG B 78 -13.51 -17.34 28.99
CA ARG B 78 -14.62 -17.70 29.87
C ARG B 78 -15.42 -16.43 30.24
N THR B 79 -14.75 -15.41 30.71
CA THR B 79 -15.38 -14.14 31.06
C THR B 79 -16.12 -13.57 29.86
N LEU B 80 -15.50 -13.54 28.66
CA LEU B 80 -16.18 -13.04 27.44
C LEU B 80 -17.38 -13.89 27.05
N TYR B 81 -17.23 -15.19 27.13
CA TYR B 81 -18.29 -16.05 26.79
C TYR B 81 -19.51 -15.99 27.77
N LYS B 82 -19.31 -15.92 29.09
CA LYS B 82 -20.43 -15.67 30.01
C LYS B 82 -21.21 -14.40 29.70
N GLN B 83 -20.60 -13.44 29.04
CA GLN B 83 -21.43 -12.30 28.71
C GLN B 83 -21.97 -12.34 27.33
N GLY B 84 -21.77 -13.41 26.58
CA GLY B 84 -22.30 -13.29 25.25
C GLY B 84 -21.33 -12.67 24.27
N VAL B 85 -20.12 -12.34 24.69
CA VAL B 85 -19.31 -11.55 23.81
C VAL B 85 -18.66 -12.44 22.72
N VAL B 86 -18.36 -13.69 23.08
CA VAL B 86 -17.88 -14.74 22.17
C VAL B 86 -18.77 -15.96 22.32
N ASN B 87 -18.76 -16.77 21.26
CA ASN B 87 -19.33 -18.15 21.15
C ASN B 87 -18.14 -19.11 20.88
N PHE B 88 -18.29 -20.39 21.16
CA PHE B 88 -17.47 -21.34 20.45
C PHE B 88 -18.21 -22.55 19.96
N ARG B 89 -17.53 -23.25 19.05
CA ARG B 89 -17.75 -24.61 18.65
C ARG B 89 -16.51 -25.46 19.00
N LYS B 90 -16.69 -26.59 19.71
CA LYS B 90 -15.54 -27.51 20.02
C LYS B 90 -15.12 -28.18 18.72
N GLU B 91 -13.86 -28.63 18.60
CA GLU B 91 -13.44 -29.54 17.47
C GLU B 91 -12.89 -30.98 17.78
N GLY B 92 -13.17 -31.50 18.99
CA GLY B 92 -12.26 -32.43 19.63
C GLY B 92 -11.07 -31.69 20.25
N LYS B 93 -11.29 -31.19 21.47
CA LYS B 93 -10.18 -30.60 22.24
C LYS B 93 -9.58 -29.26 21.67
N LEU B 94 -9.87 -28.99 20.39
CA LEU B 94 -9.80 -27.61 19.86
C LEU B 94 -11.20 -26.92 20.07
N ALA B 95 -11.18 -25.97 21.03
CA ALA B 95 -12.22 -24.94 21.21
C ALA B 95 -11.90 -23.71 20.32
N LEU B 96 -12.83 -23.48 19.39
CA LEU B 96 -12.74 -22.42 18.36
C LEU B 96 -13.77 -21.30 18.60
N TYR B 97 -13.28 -20.16 19.15
CA TYR B 97 -14.05 -18.95 19.39
C TYR B 97 -14.35 -18.04 18.15
N SER B 98 -15.52 -17.45 18.09
CA SER B 98 -15.81 -16.44 17.06
C SER B 98 -16.63 -15.36 17.81
N LEU B 99 -16.84 -14.19 17.21
CA LEU B 99 -17.62 -13.16 17.86
C LEU B 99 -19.00 -13.62 18.20
N GLY B 100 -19.57 -13.01 19.26
CA GLY B 100 -20.90 -13.38 19.61
C GLY B 100 -21.92 -12.75 18.69
N GLY B 101 -21.57 -11.84 17.83
CA GLY B 101 -22.71 -11.35 17.02
C GLY B 101 -22.06 -10.13 16.40
N GLU B 102 -22.66 -9.64 15.31
CA GLU B 102 -22.25 -8.40 14.59
C GLU B 102 -22.30 -7.13 15.43
N ALA B 103 -23.21 -7.08 16.35
CA ALA B 103 -23.34 -6.04 17.31
C ALA B 103 -22.02 -5.86 18.10
N ILE B 104 -21.25 -6.95 18.20
CA ILE B 104 -20.08 -6.82 19.01
C ILE B 104 -19.03 -6.27 18.12
N ARG B 105 -19.03 -6.66 16.85
CA ARG B 105 -18.13 -5.95 15.87
C ARG B 105 -18.32 -4.40 15.84
N GLN B 106 -19.54 -4.00 15.76
CA GLN B 106 -19.89 -2.61 15.69
C GLN B 106 -19.62 -1.77 16.91
N ILE B 107 -19.77 -2.33 18.15
CA ILE B 107 -19.45 -1.54 19.31
C ILE B 107 -17.96 -1.25 19.34
N MET B 108 -17.17 -2.21 18.95
CA MET B 108 -15.75 -2.11 19.03
C MET B 108 -15.27 -1.15 17.96
N MET B 109 -15.68 -1.41 16.76
CA MET B 109 -15.38 -0.52 15.61
C MET B 109 -15.89 0.90 15.79
N ILE B 110 -17.15 1.10 16.18
CA ILE B 110 -17.56 2.52 16.47
C ILE B 110 -16.70 3.18 17.62
N ALA B 111 -16.41 2.42 18.67
CA ALA B 111 -15.57 2.99 19.77
C ALA B 111 -14.16 3.30 19.36
N LEU B 112 -13.58 2.43 18.54
CA LEU B 112 -12.29 2.77 17.94
C LEU B 112 -12.27 4.06 17.03
N ALA B 113 -13.33 4.22 16.23
CA ALA B 113 -13.38 5.34 15.29
C ALA B 113 -13.75 6.62 16.05
N HIS B 114 -14.68 6.55 17.01
CA HIS B 114 -14.81 7.67 17.91
C HIS B 114 -13.52 8.12 18.67
N LYS B 115 -12.64 7.20 19.03
CA LYS B 115 -11.40 7.51 19.70
C LYS B 115 -10.44 8.20 18.75
N LYS B 116 -10.61 7.93 17.46
CA LYS B 116 -9.97 8.70 16.33
C LYS B 116 -10.67 10.11 16.10
N GLU B 117 -10.87 10.86 17.16
CA GLU B 117 -11.54 12.13 17.02
C GLU B 117 -12.04 12.61 18.39
N GLY C 11 37.79 16.48 -1.26
CA GLY C 11 36.33 16.38 -0.92
C GLY C 11 36.00 16.18 0.56
N TYR C 12 34.86 15.58 0.83
CA TYR C 12 34.47 15.36 2.23
C TYR C 12 33.92 13.95 2.37
N ASP C 13 34.40 13.26 3.41
CA ASP C 13 34.11 11.83 3.71
C ASP C 13 34.00 10.97 2.49
N GLU C 14 35.02 10.98 1.62
CA GLU C 14 34.88 10.52 0.24
C GLU C 14 34.80 8.99 0.20
N GLU C 15 35.39 8.34 1.20
CA GLU C 15 35.43 6.88 1.18
C GLU C 15 34.11 6.37 1.74
N LYS C 16 33.69 6.87 2.89
CA LYS C 16 32.37 6.57 3.34
C LYS C 16 31.34 6.92 2.25
N VAL C 17 31.42 8.11 1.70
CA VAL C 17 30.54 8.53 0.62
C VAL C 17 30.58 7.55 -0.53
N ASN C 18 31.75 7.29 -1.14
CA ASN C 18 31.87 6.29 -2.24
C ASN C 18 31.29 4.82 -1.87
N ARG C 19 31.47 4.42 -0.62
CA ARG C 19 30.86 3.22 -0.11
C ARG C 19 29.31 3.16 -0.06
N ILE C 20 28.68 4.10 0.66
CA ILE C 20 27.28 4.26 0.58
C ILE C 20 26.74 4.55 -0.84
N GLN C 21 27.55 5.03 -1.77
CA GLN C 21 26.97 5.28 -3.09
C GLN C 21 26.95 4.00 -3.89
N GLY C 22 27.93 3.14 -3.57
CA GLY C 22 28.10 1.81 -4.26
C GLY C 22 26.95 0.86 -3.88
N ASP C 23 26.59 0.82 -2.59
CA ASP C 23 25.31 0.24 -2.11
C ASP C 23 24.05 0.72 -2.72
N LEU C 24 23.93 1.99 -2.98
CA LEU C 24 22.72 2.46 -3.54
C LEU C 24 22.61 1.97 -4.95
N GLN C 25 23.77 1.74 -5.57
CA GLN C 25 23.83 1.42 -7.00
C GLN C 25 23.41 -0.01 -7.26
N THR C 26 23.43 -0.87 -6.25
CA THR C 26 23.11 -2.27 -6.43
C THR C 26 21.67 -2.64 -5.98
N VAL C 27 20.92 -1.61 -5.53
CA VAL C 27 19.58 -1.76 -4.99
C VAL C 27 18.65 -0.88 -5.76
N ASP C 28 17.45 -1.40 -6.01
CA ASP C 28 16.45 -0.82 -6.94
C ASP C 28 15.52 0.23 -6.31
N ILE C 29 16.15 1.32 -5.83
CA ILE C 29 15.54 2.56 -5.33
C ILE C 29 14.43 3.00 -6.22
N SER C 30 14.67 2.95 -7.52
CA SER C 30 13.74 3.52 -8.54
C SER C 30 12.32 2.90 -8.59
N GLY C 31 12.31 1.61 -8.42
CA GLY C 31 11.12 0.85 -8.36
C GLY C 31 10.48 0.79 -6.99
N VAL C 32 11.24 1.07 -5.94
CA VAL C 32 10.66 1.22 -4.65
C VAL C 32 9.80 2.49 -4.61
N SER C 33 10.30 3.59 -5.16
CA SER C 33 9.50 4.82 -5.32
C SER C 33 8.29 4.68 -6.20
N GLN C 34 8.30 3.76 -7.14
CA GLN C 34 7.11 3.56 -7.98
C GLN C 34 6.02 2.95 -7.10
N ILE C 35 6.37 1.82 -6.49
CA ILE C 35 5.52 1.10 -5.61
C ILE C 35 4.99 1.95 -4.47
N LEU C 36 5.83 2.78 -3.84
CA LEU C 36 5.32 3.46 -2.66
C LEU C 36 4.48 4.55 -3.18
N LYS C 37 4.81 4.95 -4.38
CA LYS C 37 4.09 6.07 -5.00
C LYS C 37 2.70 5.63 -5.38
N ALA C 38 2.54 4.40 -5.86
CA ALA C 38 1.27 3.83 -6.21
C ALA C 38 0.40 3.78 -4.99
N ILE C 39 0.87 3.06 -3.96
CA ILE C 39 0.20 2.95 -2.68
C ILE C 39 -0.15 4.25 -2.01
N ALA C 40 0.77 5.20 -2.01
CA ALA C 40 0.60 6.49 -1.31
C ALA C 40 -0.58 7.38 -1.56
N ASP C 41 -0.99 7.64 -2.80
CA ASP C 41 -2.24 8.43 -3.05
C ASP C 41 -3.42 8.12 -2.09
N GLU C 42 -4.05 9.14 -1.52
CA GLU C 42 -5.13 8.91 -0.55
C GLU C 42 -6.16 7.74 -0.83
N ASN C 43 -6.73 7.61 -2.01
CA ASN C 43 -7.67 6.54 -2.35
C ASN C 43 -7.12 5.20 -2.78
N ARG C 44 -5.95 5.19 -3.39
CA ARG C 44 -5.21 3.95 -3.61
C ARG C 44 -4.69 3.31 -2.26
N ALA C 45 -4.38 4.16 -1.30
CA ALA C 45 -4.05 3.71 0.02
C ALA C 45 -5.24 3.02 0.70
N LYS C 46 -6.42 3.60 0.56
CA LYS C 46 -7.68 2.99 1.04
C LYS C 46 -8.03 1.56 0.43
N ILE C 47 -7.74 1.38 -0.85
CA ILE C 47 -8.03 0.20 -1.61
C ILE C 47 -7.02 -0.74 -1.21
N THR C 48 -5.83 -0.23 -1.02
CA THR C 48 -4.82 -1.15 -0.55
C THR C 48 -5.09 -1.72 0.88
N TYR C 49 -5.44 -0.83 1.80
CA TYR C 49 -5.91 -1.19 3.11
C TYR C 49 -7.11 -2.10 2.96
N ALA C 50 -8.06 -1.78 2.13
CA ALA C 50 -9.27 -2.54 2.13
C ALA C 50 -8.98 -4.02 1.78
N LEU C 51 -7.92 -4.22 1.02
CA LEU C 51 -7.54 -5.54 0.48
C LEU C 51 -6.65 -6.25 1.39
N CYS C 52 -6.27 -5.56 2.44
CA CYS C 52 -5.61 -6.25 3.55
C CYS C 52 -6.63 -6.87 4.45
N GLN C 53 -7.89 -6.57 4.31
CA GLN C 53 -8.94 -6.91 5.29
C GLN C 53 -9.78 -8.05 4.78
N ASP C 54 -10.16 -7.95 3.49
CA ASP C 54 -10.75 -8.98 2.70
C ASP C 54 -9.85 -9.55 1.61
N GLU C 55 -9.89 -10.84 1.43
CA GLU C 55 -8.96 -11.44 0.46
C GLU C 55 -9.13 -10.89 -0.95
N GLU C 56 -10.40 -10.96 -1.43
CA GLU C 56 -10.87 -10.50 -2.77
C GLU C 56 -12.04 -9.59 -2.64
N LEU C 57 -12.15 -8.62 -3.55
CA LEU C 57 -13.23 -7.66 -3.65
C LEU C 57 -13.42 -7.28 -5.12
N CYS C 58 -14.60 -6.81 -5.49
CA CYS C 58 -14.89 -6.53 -6.87
C CYS C 58 -14.80 -5.09 -7.00
N VAL C 59 -14.72 -4.58 -8.22
CA VAL C 59 -14.60 -3.13 -8.41
C VAL C 59 -15.75 -2.41 -7.90
N CYS C 60 -16.92 -3.07 -7.91
CA CYS C 60 -18.18 -2.47 -7.28
C CYS C 60 -18.02 -2.22 -5.77
N ASP C 61 -17.57 -3.23 -5.00
CA ASP C 61 -17.16 -3.14 -3.59
C ASP C 61 -16.28 -1.96 -3.33
N ILE C 62 -15.19 -1.91 -4.09
CA ILE C 62 -14.26 -0.74 -4.02
C ILE C 62 -14.80 0.66 -4.29
N ALA C 63 -15.64 0.81 -5.32
CA ALA C 63 -16.23 2.16 -5.60
C ALA C 63 -17.15 2.52 -4.44
N ASN C 64 -18.00 1.53 -4.11
CA ASN C 64 -18.88 1.67 -2.88
C ASN C 64 -18.09 1.91 -1.58
N ILE C 65 -17.00 1.19 -1.37
CA ILE C 65 -16.22 1.47 -0.11
C ILE C 65 -15.67 2.89 -0.11
N LEU C 66 -15.14 3.31 -1.25
CA LEU C 66 -14.50 4.62 -1.39
C LEU C 66 -15.42 5.72 -1.57
N GLY C 67 -16.65 5.43 -1.98
CA GLY C 67 -17.66 6.47 -2.22
C GLY C 67 -17.31 7.12 -3.55
N VAL C 68 -17.05 6.37 -4.60
CA VAL C 68 -16.66 7.03 -5.86
C VAL C 68 -17.26 6.23 -7.02
N THR C 69 -17.08 6.74 -8.25
CA THR C 69 -17.77 6.15 -9.40
C THR C 69 -17.04 4.87 -9.76
N ILE C 70 -17.70 3.91 -10.40
CA ILE C 70 -17.05 2.68 -10.89
C ILE C 70 -15.89 2.92 -11.89
N ALA C 71 -16.05 3.89 -12.79
CA ALA C 71 -14.97 4.37 -13.66
C ALA C 71 -13.64 4.63 -12.93
N ASN C 72 -13.66 5.69 -12.13
CA ASN C 72 -12.72 6.13 -11.15
C ASN C 72 -12.23 4.94 -10.22
N ALA C 73 -13.11 4.14 -9.63
CA ALA C 73 -12.61 2.91 -8.99
C ALA C 73 -11.61 2.27 -9.88
N SER C 74 -12.07 1.67 -10.98
CA SER C 74 -11.27 1.08 -12.08
C SER C 74 -9.98 1.74 -12.58
N HIS C 75 -9.97 3.04 -12.69
CA HIS C 75 -8.79 3.82 -12.97
C HIS C 75 -7.68 3.40 -12.00
N HIS C 76 -7.80 3.78 -10.71
CA HIS C 76 -6.90 3.33 -9.58
C HIS C 76 -6.62 1.83 -9.51
N LEU C 77 -7.62 1.03 -9.70
CA LEU C 77 -7.31 -0.35 -9.70
C LEU C 77 -6.29 -0.67 -10.80
N ARG C 78 -6.10 0.29 -11.70
CA ARG C 78 -5.36 -0.07 -12.88
C ARG C 78 -4.01 0.54 -12.77
N THR C 79 -3.88 1.74 -12.23
CA THR C 79 -2.63 2.01 -11.68
C THR C 79 -2.13 0.70 -10.92
N LEU C 80 -2.90 0.17 -9.98
CA LEU C 80 -2.31 -0.67 -8.99
C LEU C 80 -1.89 -1.94 -9.57
N TYR C 81 -2.64 -2.46 -10.55
CA TYR C 81 -2.30 -3.75 -11.12
C TYR C 81 -0.88 -3.61 -11.75
N LYS C 82 -0.65 -2.36 -12.16
CA LYS C 82 0.32 -1.98 -13.15
C LYS C 82 1.59 -2.02 -12.29
N GLN C 83 1.45 -1.55 -11.05
CA GLN C 83 2.63 -1.44 -10.22
C GLN C 83 2.83 -2.61 -9.30
N GLY C 84 2.24 -3.75 -9.68
CA GLY C 84 2.14 -5.03 -8.91
C GLY C 84 1.49 -4.98 -7.53
N VAL C 85 0.66 -3.96 -7.23
CA VAL C 85 0.03 -3.78 -5.91
C VAL C 85 -1.25 -4.67 -5.77
N VAL C 86 -2.08 -4.72 -6.82
CA VAL C 86 -3.16 -5.66 -6.81
C VAL C 86 -2.94 -6.64 -7.89
N ASN C 87 -3.72 -7.71 -7.83
CA ASN C 87 -3.79 -8.82 -8.75
C ASN C 87 -5.22 -8.95 -9.19
N PHE C 88 -5.49 -9.92 -10.08
CA PHE C 88 -6.80 -10.24 -10.72
C PHE C 88 -7.18 -11.73 -10.65
N ARG C 89 -8.45 -12.06 -10.46
CA ARG C 89 -8.85 -13.41 -10.79
C ARG C 89 -10.12 -13.25 -11.60
N LYS C 90 -10.53 -14.40 -12.19
CA LYS C 90 -11.41 -14.55 -13.39
C LYS C 90 -12.90 -14.83 -13.13
N LEU C 94 -17.24 -11.40 -14.19
CA LEU C 94 -16.69 -11.88 -12.90
C LEU C 94 -15.20 -11.48 -12.48
N ALA C 95 -14.85 -10.17 -12.44
CA ALA C 95 -13.50 -9.60 -11.99
C ALA C 95 -13.20 -9.14 -10.48
N LEU C 96 -12.41 -9.96 -9.77
CA LEU C 96 -12.09 -9.90 -8.34
C LEU C 96 -10.61 -9.56 -7.94
N TYR C 97 -10.43 -8.40 -7.30
CA TYR C 97 -9.12 -8.01 -6.84
C TYR C 97 -8.61 -8.52 -5.50
N SER C 98 -7.29 -8.79 -5.45
CA SER C 98 -6.55 -9.13 -4.22
C SER C 98 -5.23 -8.33 -4.12
N LEU C 99 -4.49 -8.47 -3.00
CA LEU C 99 -3.20 -7.79 -2.74
C LEU C 99 -2.13 -8.39 -3.66
N GLY C 100 -1.21 -7.56 -4.17
CA GLY C 100 -0.11 -8.08 -4.95
C GLY C 100 0.79 -9.04 -4.22
N GLY C 101 0.96 -8.84 -2.94
CA GLY C 101 1.64 -9.86 -2.12
C GLY C 101 1.72 -9.44 -0.66
N GLU C 102 2.34 -10.28 0.14
CA GLU C 102 2.52 -10.10 1.55
C GLU C 102 3.31 -8.86 1.88
N ALA C 103 4.41 -8.76 1.17
CA ALA C 103 5.24 -7.58 1.21
C ALA C 103 4.37 -6.28 1.28
N ILE C 104 3.34 -6.20 0.42
CA ILE C 104 2.34 -5.13 0.41
C ILE C 104 1.54 -4.95 1.69
N ARG C 105 1.02 -6.05 2.21
CA ARG C 105 0.48 -5.99 3.55
C ARG C 105 1.46 -5.55 4.63
N GLN C 106 2.70 -6.05 4.61
CA GLN C 106 3.70 -5.64 5.64
C GLN C 106 3.90 -4.12 5.59
N ILE C 107 4.07 -3.59 4.39
CA ILE C 107 4.40 -2.20 4.25
C ILE C 107 3.25 -1.35 4.81
N MET C 108 2.05 -1.67 4.41
CA MET C 108 0.89 -0.91 4.86
C MET C 108 0.72 -0.99 6.35
N MET C 109 0.84 -2.17 6.91
CA MET C 109 0.69 -2.30 8.41
C MET C 109 1.80 -1.80 9.27
N ILE C 110 3.03 -1.92 8.81
CA ILE C 110 4.17 -1.28 9.50
C ILE C 110 4.02 0.25 9.54
N ALA C 111 3.72 0.79 8.36
CA ALA C 111 3.34 2.24 8.26
C ALA C 111 2.21 2.70 9.16
N LEU C 112 1.07 2.04 9.09
CA LEU C 112 0.00 2.29 10.01
C LEU C 112 0.38 2.08 11.53
N ALA C 113 1.22 1.09 11.91
CA ALA C 113 1.70 1.04 13.30
C ALA C 113 2.71 2.16 13.56
N HIS C 114 3.64 2.36 12.61
CA HIS C 114 4.56 3.46 12.76
C HIS C 114 3.86 4.86 12.85
N LYS C 115 2.95 5.21 11.94
CA LYS C 115 2.17 6.49 12.06
C LYS C 115 1.41 6.70 13.39
N LYS C 116 0.93 5.59 13.96
CA LYS C 116 0.34 5.49 15.31
C LYS C 116 1.50 5.42 16.32
N PHE D 10 -31.85 -2.91 -1.64
CA PHE D 10 -31.70 -1.49 -2.15
C PHE D 10 -30.42 -1.20 -2.91
N GLY D 11 -29.28 -1.65 -2.37
CA GLY D 11 -27.96 -1.23 -2.86
C GLY D 11 -27.00 -2.32 -3.34
N TYR D 12 -25.72 -2.09 -3.06
CA TYR D 12 -24.70 -3.06 -3.38
C TYR D 12 -23.78 -3.57 -2.23
N ASP D 13 -23.89 -4.84 -1.86
CA ASP D 13 -22.98 -5.52 -0.93
C ASP D 13 -22.84 -4.74 0.40
N GLU D 14 -23.93 -4.09 0.83
CA GLU D 14 -23.93 -3.05 1.89
C GLU D 14 -23.27 -3.35 3.21
N GLU D 15 -23.51 -4.55 3.70
CA GLU D 15 -22.96 -4.95 4.96
C GLU D 15 -21.41 -5.06 4.91
N LYS D 16 -20.91 -5.92 4.01
CA LYS D 16 -19.50 -5.97 3.61
C LYS D 16 -18.85 -4.60 3.39
N VAL D 17 -19.42 -3.76 2.52
CA VAL D 17 -18.91 -2.36 2.34
C VAL D 17 -18.77 -1.60 3.69
N ASN D 18 -19.86 -1.61 4.42
CA ASN D 18 -19.95 -0.85 5.64
C ASN D 18 -18.98 -1.27 6.72
N ARG D 19 -18.72 -2.58 6.71
CA ARG D 19 -17.70 -3.19 7.43
C ARG D 19 -16.29 -2.71 7.08
N ILE D 20 -15.90 -2.80 5.79
CA ILE D 20 -14.53 -2.42 5.39
C ILE D 20 -14.32 -0.91 5.66
N GLN D 21 -15.42 -0.12 5.54
CA GLN D 21 -15.51 1.30 5.89
C GLN D 21 -15.37 1.58 7.40
N GLY D 22 -15.96 0.75 8.27
CA GLY D 22 -15.68 0.91 9.72
C GLY D 22 -14.21 0.57 10.05
N ASP D 23 -13.58 -0.43 9.45
CA ASP D 23 -12.18 -0.64 9.62
C ASP D 23 -11.37 0.62 9.28
N LEU D 24 -11.68 1.19 8.15
CA LEU D 24 -10.91 2.23 7.55
C LEU D 24 -10.96 3.44 8.47
N GLN D 25 -11.96 3.58 9.27
CA GLN D 25 -11.83 4.73 10.15
C GLN D 25 -11.33 4.51 11.56
N THR D 26 -10.81 3.32 11.79
CA THR D 26 -10.09 2.95 13.06
C THR D 26 -8.64 3.23 12.88
N VAL D 27 -8.30 3.67 11.70
CA VAL D 27 -6.97 3.60 11.14
C VAL D 27 -6.59 4.95 10.42
N ASP D 28 -5.36 5.39 10.60
CA ASP D 28 -4.97 6.70 10.02
C ASP D 28 -4.48 6.46 8.61
N ILE D 29 -5.35 6.52 7.62
CA ILE D 29 -4.94 6.13 6.31
C ILE D 29 -4.12 7.27 5.70
N SER D 30 -4.46 8.51 6.07
CA SER D 30 -3.94 9.77 5.44
C SER D 30 -2.55 9.89 5.95
N GLY D 31 -2.38 9.60 7.20
CA GLY D 31 -1.09 9.35 7.75
C GLY D 31 -0.16 8.50 6.93
N VAL D 32 -0.62 7.32 6.50
CA VAL D 32 0.26 6.30 5.88
C VAL D 32 0.61 6.92 4.56
N SER D 33 -0.36 7.60 3.95
CA SER D 33 -0.12 8.24 2.70
C SER D 33 0.86 9.48 2.75
N GLN D 34 0.82 10.25 3.81
CA GLN D 34 1.84 11.22 4.07
C GLN D 34 3.21 10.58 4.12
N ILE D 35 3.41 9.60 5.00
CA ILE D 35 4.67 8.97 5.25
C ILE D 35 5.26 8.31 4.02
N LEU D 36 4.42 7.59 3.30
CA LEU D 36 4.82 6.91 2.06
C LEU D 36 5.24 7.85 0.92
N LYS D 37 4.46 8.93 0.82
CA LYS D 37 4.72 10.09 -0.07
C LYS D 37 6.09 10.65 0.21
N ALA D 38 6.40 10.80 1.49
CA ALA D 38 7.72 11.22 2.04
C ALA D 38 8.85 10.34 1.55
N ILE D 39 8.75 9.05 1.78
CA ILE D 39 9.80 8.18 1.30
C ILE D 39 9.78 8.02 -0.18
N ALA D 40 8.64 8.12 -0.83
CA ALA D 40 8.60 7.67 -2.23
C ALA D 40 9.54 8.41 -3.24
N ASP D 41 9.81 9.69 -2.94
CA ASP D 41 10.67 10.55 -3.74
C ASP D 41 12.02 9.92 -3.89
N GLU D 42 12.51 9.86 -5.14
CA GLU D 42 13.89 9.39 -5.52
C GLU D 42 15.04 9.72 -4.43
N ASN D 43 15.21 11.01 -4.16
CA ASN D 43 16.25 11.45 -3.22
C ASN D 43 15.94 11.25 -1.76
N ARG D 44 14.68 11.40 -1.38
CA ARG D 44 14.30 11.11 -0.01
C ARG D 44 14.40 9.60 0.30
N ALA D 45 14.14 8.78 -0.66
CA ALA D 45 14.28 7.33 -0.55
C ALA D 45 15.73 6.91 -0.49
N LYS D 46 16.57 7.52 -1.35
CA LYS D 46 18.02 7.28 -1.24
C LYS D 46 18.54 7.63 0.13
N ILE D 47 18.16 8.81 0.67
CA ILE D 47 18.55 9.24 2.01
C ILE D 47 18.08 8.23 3.06
N THR D 48 16.77 7.93 3.02
CA THR D 48 16.23 6.80 3.80
C THR D 48 17.03 5.50 3.72
N TYR D 49 17.40 5.08 2.53
CA TYR D 49 18.17 3.81 2.49
C TYR D 49 19.63 3.88 3.08
N ALA D 50 20.35 4.91 2.69
CA ALA D 50 21.64 5.27 3.32
C ALA D 50 21.66 5.01 4.81
N LEU D 51 20.77 5.72 5.52
CA LEU D 51 20.43 5.53 6.92
C LEU D 51 20.05 4.11 7.42
N CYS D 52 19.91 3.11 6.54
CA CYS D 52 19.68 1.67 6.97
C CYS D 52 20.99 0.86 7.10
N GLN D 53 21.95 1.26 6.27
CA GLN D 53 23.30 0.74 6.19
C GLN D 53 24.16 1.40 7.27
N ASP D 54 24.01 2.71 7.49
CA ASP D 54 24.84 3.40 8.47
C ASP D 54 24.08 4.12 9.56
N GLU D 55 24.60 3.92 10.77
CA GLU D 55 23.97 4.45 11.96
C GLU D 55 23.50 5.89 11.72
N GLU D 56 24.47 6.75 11.40
CA GLU D 56 24.31 8.19 11.54
C GLU D 56 25.08 8.91 10.48
N LEU D 57 24.43 9.83 9.79
CA LEU D 57 25.09 10.61 8.71
C LEU D 57 24.82 12.09 8.99
N CYS D 58 25.76 12.95 8.57
CA CYS D 58 25.51 14.39 8.58
C CYS D 58 25.04 14.84 7.21
N VAL D 59 24.58 16.09 7.12
CA VAL D 59 24.00 16.65 5.90
C VAL D 59 24.93 16.70 4.73
N CYS D 60 26.23 16.88 4.98
CA CYS D 60 27.26 17.00 3.93
C CYS D 60 27.51 15.63 3.37
N ASP D 61 27.69 14.60 4.24
CA ASP D 61 27.72 13.18 3.81
C ASP D 61 26.58 12.94 2.90
N ILE D 62 25.38 13.24 3.39
CA ILE D 62 24.15 13.13 2.56
C ILE D 62 24.19 13.87 1.24
N ALA D 63 24.53 15.16 1.24
CA ALA D 63 24.50 15.96 0.00
C ALA D 63 25.54 15.39 -0.97
N ASN D 64 26.57 14.78 -0.45
CA ASN D 64 27.64 14.25 -1.29
C ASN D 64 27.25 12.85 -1.80
N ILE D 65 26.72 11.95 -0.92
CA ILE D 65 26.00 10.70 -1.36
C ILE D 65 25.11 11.00 -2.54
N LEU D 66 24.24 11.99 -2.44
CA LEU D 66 23.26 12.24 -3.49
C LEU D 66 23.83 13.00 -4.60
N GLY D 67 24.97 13.65 -4.33
CA GLY D 67 25.61 14.56 -5.24
C GLY D 67 24.65 15.70 -5.44
N VAL D 68 24.21 16.34 -4.36
CA VAL D 68 23.30 17.54 -4.53
C VAL D 68 23.92 18.70 -3.71
N THR D 69 23.37 19.89 -3.77
CA THR D 69 23.94 20.96 -2.93
C THR D 69 23.47 20.76 -1.51
N ILE D 70 24.17 21.28 -0.49
CA ILE D 70 23.81 21.05 0.88
C ILE D 70 22.38 21.64 1.20
N ALA D 71 22.00 22.68 0.47
CA ALA D 71 20.72 23.24 0.63
C ALA D 71 19.71 22.32 0.11
N ASN D 72 20.05 21.44 -0.80
CA ASN D 72 19.05 20.51 -1.29
C ASN D 72 18.80 19.37 -0.30
N ALA D 73 19.89 18.79 0.17
CA ALA D 73 19.90 17.83 1.25
C ALA D 73 19.05 18.27 2.45
N SER D 74 19.15 19.54 2.84
CA SER D 74 18.51 20.02 4.02
C SER D 74 17.04 20.10 3.71
N HIS D 75 16.65 20.56 2.51
CA HIS D 75 15.26 20.55 2.16
C HIS D 75 14.66 19.14 2.28
N HIS D 76 15.15 18.19 1.45
CA HIS D 76 14.72 16.81 1.62
C HIS D 76 14.71 16.42 3.05
N LEU D 77 15.79 16.66 3.79
CA LEU D 77 15.83 16.15 5.18
C LEU D 77 14.77 16.75 6.13
N ARG D 78 14.36 18.00 5.89
CA ARG D 78 13.28 18.61 6.67
C ARG D 78 11.99 17.88 6.29
N THR D 79 11.80 17.66 4.99
CA THR D 79 10.69 16.81 4.57
C THR D 79 10.62 15.52 5.45
N LEU D 80 11.62 14.64 5.34
CA LEU D 80 11.64 13.36 6.04
C LEU D 80 11.49 13.44 7.59
N TYR D 81 12.17 14.40 8.24
CA TYR D 81 12.03 14.70 9.68
C TYR D 81 10.57 14.97 10.18
N LYS D 82 9.89 15.89 9.50
CA LYS D 82 8.52 16.22 9.81
C LYS D 82 7.66 15.00 9.99
N GLN D 83 7.93 13.95 9.19
CA GLN D 83 7.07 12.77 9.11
C GLN D 83 7.66 11.71 9.92
N GLY D 84 8.74 12.02 10.62
CA GLY D 84 9.28 11.07 11.57
C GLY D 84 10.04 9.93 10.91
N VAL D 85 10.25 10.04 9.61
CA VAL D 85 11.13 9.11 8.93
C VAL D 85 12.62 9.19 9.41
N VAL D 86 13.04 10.40 9.84
CA VAL D 86 14.43 10.61 10.35
C VAL D 86 14.43 11.45 11.64
N ASN D 87 15.32 11.06 12.56
CA ASN D 87 15.73 11.98 13.63
C ASN D 87 17.24 12.23 13.51
N PHE D 88 17.72 13.20 14.28
CA PHE D 88 19.17 13.41 14.46
C PHE D 88 19.62 13.51 15.95
N ARG D 89 20.93 13.62 16.14
CA ARG D 89 21.56 14.18 17.34
C ARG D 89 22.87 14.90 16.98
N LEU D 96 23.84 15.25 12.85
CA LEU D 96 23.97 13.76 12.94
C LEU D 96 22.68 12.95 12.90
N TYR D 97 22.21 12.69 11.66
CA TYR D 97 20.93 12.03 11.31
C TYR D 97 20.88 10.54 11.33
N SER D 98 19.68 10.06 11.63
CA SER D 98 19.43 8.63 11.66
C SER D 98 17.95 8.34 11.31
N LEU D 99 17.62 7.06 11.16
CA LEU D 99 16.24 6.64 10.80
C LEU D 99 15.32 6.86 11.95
N GLY D 100 14.12 7.30 11.65
CA GLY D 100 13.22 7.70 12.71
C GLY D 100 12.62 6.49 13.42
N GLY D 101 13.05 5.28 13.10
CA GLY D 101 12.46 4.13 13.76
C GLY D 101 12.76 2.90 13.00
N GLU D 102 12.76 1.76 13.67
CA GLU D 102 12.96 0.47 13.00
C GLU D 102 11.84 0.02 12.02
N ALA D 103 10.68 0.66 12.02
CA ALA D 103 9.59 0.36 11.06
C ALA D 103 9.97 0.97 9.75
N ILE D 104 10.67 2.09 9.83
CA ILE D 104 11.21 2.72 8.61
C ILE D 104 12.15 1.81 7.92
N ARG D 105 12.99 1.08 8.67
CA ARG D 105 13.97 0.19 8.07
C ARG D 105 13.30 -1.02 7.36
N GLN D 106 12.48 -1.75 8.15
CA GLN D 106 11.47 -2.74 7.63
C GLN D 106 10.75 -2.28 6.34
N ILE D 107 10.11 -1.11 6.42
CA ILE D 107 9.48 -0.65 5.19
C ILE D 107 10.53 -0.70 4.03
N MET D 108 11.76 -0.20 4.28
CA MET D 108 12.70 -0.10 3.14
C MET D 108 13.13 -1.50 2.66
N MET D 109 13.34 -2.42 3.61
CA MET D 109 13.78 -3.78 3.29
C MET D 109 12.65 -4.61 2.77
N ILE D 110 11.45 -4.42 3.34
CA ILE D 110 10.34 -5.18 2.78
C ILE D 110 10.23 -4.79 1.30
N ALA D 111 10.52 -3.55 1.00
CA ALA D 111 10.03 -2.98 -0.23
C ALA D 111 10.94 -3.39 -1.36
N LEU D 112 12.25 -3.23 -1.14
CA LEU D 112 13.30 -3.86 -1.99
C LEU D 112 13.03 -5.36 -2.35
N ALA D 113 12.86 -6.19 -1.32
CA ALA D 113 12.47 -7.62 -1.35
C ALA D 113 11.36 -8.03 -2.32
N HIS D 114 10.19 -7.47 -2.23
CA HIS D 114 9.14 -7.71 -3.26
C HIS D 114 9.73 -7.35 -4.65
N LYS D 115 9.55 -8.21 -5.67
CA LYS D 115 9.98 -7.90 -7.05
C LYS D 115 11.41 -7.22 -7.24
N GLY E 11 -18.60 9.23 -30.81
CA GLY E 11 -17.15 9.24 -31.16
C GLY E 11 -16.83 8.22 -32.22
N TYR E 12 -15.58 7.81 -32.31
CA TYR E 12 -15.22 6.84 -33.38
C TYR E 12 -14.81 5.46 -32.90
N ASP E 13 -15.51 4.44 -33.43
CA ASP E 13 -15.14 3.06 -33.20
C ASP E 13 -14.92 2.73 -31.68
N GLU E 14 -15.90 3.03 -30.83
CA GLU E 14 -15.64 3.29 -29.36
C GLU E 14 -15.26 2.13 -28.38
N GLU E 15 -15.61 0.92 -28.78
CA GLU E 15 -15.33 -0.32 -28.04
C GLU E 15 -13.86 -0.61 -28.09
N LYS E 16 -13.41 -1.19 -29.23
CA LYS E 16 -11.96 -1.48 -29.51
C LYS E 16 -11.06 -0.49 -28.78
N VAL E 17 -11.51 0.75 -28.69
CA VAL E 17 -10.72 1.84 -28.18
C VAL E 17 -10.59 2.00 -26.63
N ASN E 18 -11.70 2.05 -25.89
CA ASN E 18 -11.55 2.11 -24.44
C ASN E 18 -11.24 0.73 -23.84
N ARG E 19 -11.20 -0.25 -24.75
CA ARG E 19 -10.77 -1.65 -24.56
C ARG E 19 -9.20 -1.86 -24.60
N ILE E 20 -8.62 -1.58 -25.79
CA ILE E 20 -7.21 -1.53 -26.05
C ILE E 20 -6.68 -0.32 -25.27
N GLN E 21 -7.47 0.73 -25.14
CA GLN E 21 -6.95 1.80 -24.29
C GLN E 21 -7.13 1.42 -22.80
N GLY E 22 -8.37 1.10 -22.46
CA GLY E 22 -8.77 0.62 -21.17
C GLY E 22 -8.03 -0.65 -20.78
N ASP E 23 -7.22 -1.22 -21.71
CA ASP E 23 -6.08 -2.08 -21.32
C ASP E 23 -5.32 -1.20 -20.25
N LEU E 24 -4.38 -0.35 -20.73
CA LEU E 24 -3.43 0.60 -20.00
C LEU E 24 -1.93 0.36 -20.47
N GLN E 25 -1.77 -0.56 -21.45
CA GLN E 25 -2.85 -1.52 -21.80
C GLN E 25 -2.80 -2.77 -20.87
N THR E 26 -3.31 -2.65 -19.63
CA THR E 26 -2.89 -3.44 -18.40
C THR E 26 -1.36 -3.16 -17.90
N VAL E 27 -0.55 -2.43 -18.69
CA VAL E 27 0.89 -2.74 -18.77
C VAL E 27 1.94 -1.63 -18.60
N ASP E 28 3.14 -2.11 -18.25
CA ASP E 28 4.33 -1.33 -18.02
C ASP E 28 4.95 -0.95 -19.36
N ILE E 29 4.07 -0.64 -20.33
CA ILE E 29 4.45 -0.10 -21.63
C ILE E 29 5.33 1.14 -21.43
N SER E 30 5.47 1.66 -20.22
CA SER E 30 6.50 2.67 -20.00
C SER E 30 7.87 1.95 -19.87
N GLY E 31 7.77 0.77 -19.24
CA GLY E 31 8.90 -0.05 -18.82
C GLY E 31 9.59 -0.66 -20.02
N VAL E 32 8.81 -1.29 -20.89
CA VAL E 32 9.28 -1.73 -22.22
C VAL E 32 10.01 -0.58 -22.95
N SER E 33 9.38 0.56 -23.00
CA SER E 33 10.08 1.70 -23.57
C SER E 33 11.46 1.96 -22.96
N GLN E 34 11.56 1.78 -21.64
CA GLN E 34 12.83 2.03 -20.98
C GLN E 34 13.85 0.91 -21.19
N ILE E 35 13.38 -0.34 -21.37
CA ILE E 35 14.29 -1.47 -21.59
C ILE E 35 14.80 -1.36 -23.02
N LEU E 36 13.86 -1.18 -23.98
CA LEU E 36 14.12 -0.96 -25.45
C LEU E 36 14.94 0.26 -25.78
N LYS E 37 14.65 1.37 -25.07
CA LYS E 37 15.50 2.60 -25.04
C LYS E 37 16.88 2.28 -24.62
N ALA E 38 17.01 1.48 -23.58
CA ALA E 38 18.31 1.13 -22.97
C ALA E 38 19.22 0.39 -23.95
N ILE E 39 18.77 -0.69 -24.55
CA ILE E 39 19.52 -1.52 -25.50
C ILE E 39 19.80 -0.76 -26.82
N ALA E 40 18.85 0.08 -27.25
CA ALA E 40 18.94 0.78 -28.55
C ALA E 40 20.18 1.75 -28.66
N ASP E 41 20.62 2.37 -27.57
CA ASP E 41 21.89 3.07 -27.72
C ASP E 41 22.96 2.12 -28.36
N GLU E 42 23.61 2.57 -29.40
CA GLU E 42 24.52 1.77 -30.22
C GLU E 42 25.70 1.22 -29.44
N ASN E 43 26.27 1.99 -28.54
CA ASN E 43 27.30 1.47 -27.64
C ASN E 43 26.80 0.52 -26.54
N ARG E 44 25.49 0.56 -26.27
CA ARG E 44 24.88 -0.26 -25.22
C ARG E 44 24.34 -1.54 -25.89
N ALA E 45 24.08 -1.46 -27.18
CA ALA E 45 23.67 -2.61 -27.97
C ALA E 45 24.91 -3.52 -28.19
N LYS E 46 26.07 -2.89 -28.51
CA LYS E 46 27.34 -3.51 -28.52
C LYS E 46 27.61 -4.21 -27.19
N ILE E 47 27.32 -3.59 -26.00
CA ILE E 47 27.62 -4.32 -24.72
C ILE E 47 26.77 -5.58 -24.64
N THR E 48 25.53 -5.45 -25.02
CA THR E 48 24.56 -6.46 -24.83
C THR E 48 24.91 -7.63 -25.74
N TYR E 49 25.29 -7.30 -26.99
CA TYR E 49 25.66 -8.26 -27.96
C TYR E 49 26.95 -8.97 -27.56
N ALA E 50 27.86 -8.28 -26.89
CA ALA E 50 29.12 -8.87 -26.44
C ALA E 50 28.82 -9.95 -25.44
N LEU E 51 27.78 -9.71 -24.64
CA LEU E 51 27.38 -10.59 -23.52
C LEU E 51 26.51 -11.70 -24.03
N CYS E 52 26.18 -11.57 -25.32
CA CYS E 52 25.56 -12.66 -26.04
C CYS E 52 26.65 -13.65 -26.46
N GLN E 53 27.92 -13.29 -26.27
CA GLN E 53 29.06 -14.10 -26.73
C GLN E 53 29.74 -14.98 -25.68
N ASP E 54 29.83 -14.42 -24.46
CA ASP E 54 30.47 -15.00 -23.24
C ASP E 54 29.61 -14.58 -22.08
N GLU E 55 29.38 -15.49 -21.14
CA GLU E 55 28.48 -15.15 -20.06
C GLU E 55 28.95 -14.11 -19.08
N GLU E 56 30.28 -13.99 -18.89
CA GLU E 56 30.83 -12.90 -18.06
C GLU E 56 31.97 -12.18 -18.72
N LEU E 57 31.90 -10.88 -18.61
CA LEU E 57 32.94 -9.98 -18.95
C LEU E 57 33.03 -8.86 -17.84
N CYS E 58 34.22 -8.33 -17.59
CA CYS E 58 34.31 -7.22 -16.64
C CYS E 58 34.24 -5.96 -17.39
N VAL E 59 34.20 -4.85 -16.63
CA VAL E 59 34.16 -3.51 -17.15
C VAL E 59 35.39 -3.18 -17.99
N CYS E 60 36.59 -3.60 -17.57
CA CYS E 60 37.86 -3.44 -18.39
C CYS E 60 37.76 -4.10 -19.79
N ASP E 61 37.21 -5.34 -19.79
CA ASP E 61 36.86 -6.15 -20.96
C ASP E 61 36.03 -5.30 -21.94
N ILE E 62 34.92 -4.72 -21.47
CA ILE E 62 33.95 -3.93 -22.26
C ILE E 62 34.42 -2.64 -22.83
N ALA E 63 35.08 -1.87 -21.94
CA ALA E 63 35.75 -0.62 -22.30
C ALA E 63 36.75 -0.95 -23.37
N ASN E 64 37.56 -1.95 -23.10
CA ASN E 64 38.52 -2.46 -24.18
C ASN E 64 37.86 -2.90 -25.50
N ILE E 65 36.80 -3.74 -25.40
CA ILE E 65 36.02 -4.17 -26.55
C ILE E 65 35.48 -2.96 -27.22
N LEU E 66 34.93 -2.07 -26.39
CA LEU E 66 34.33 -0.84 -26.86
C LEU E 66 35.36 0.20 -27.38
N GLY E 67 36.58 0.19 -26.85
CA GLY E 67 37.60 1.18 -27.29
C GLY E 67 37.22 2.50 -26.56
N VAL E 68 36.81 2.39 -25.30
CA VAL E 68 36.36 3.53 -24.56
C VAL E 68 36.91 3.47 -23.13
N THR E 69 36.76 4.58 -22.43
CA THR E 69 37.29 4.61 -21.05
C THR E 69 36.52 3.62 -20.15
N ILE E 70 37.18 3.05 -19.14
CA ILE E 70 36.50 2.47 -17.97
C ILE E 70 35.41 3.34 -17.34
N ALA E 71 35.32 4.66 -17.66
CA ALA E 71 34.22 5.55 -17.23
C ALA E 71 33.00 5.55 -18.20
N ASN E 72 33.22 5.67 -19.50
CA ASN E 72 32.12 5.40 -20.47
C ASN E 72 31.45 4.04 -20.14
N ALA E 73 32.13 2.98 -20.54
CA ALA E 73 31.97 1.64 -19.99
C ALA E 73 31.93 1.64 -18.45
N SER E 74 30.93 2.30 -17.91
CA SER E 74 30.47 2.09 -16.50
C SER E 74 29.11 2.76 -16.42
N HIS E 75 28.99 3.90 -17.12
CA HIS E 75 27.72 4.63 -17.35
C HIS E 75 26.77 3.79 -18.13
N HIS E 76 27.24 3.35 -19.30
CA HIS E 76 26.59 2.31 -20.09
C HIS E 76 26.31 1.06 -19.26
N LEU E 77 27.26 0.49 -18.55
CA LEU E 77 26.84 -0.66 -17.72
C LEU E 77 25.70 -0.38 -16.74
N ARG E 78 25.73 0.82 -16.12
CA ARG E 78 24.79 1.19 -15.02
C ARG E 78 23.40 1.41 -15.60
N THR E 79 23.32 2.16 -16.70
CA THR E 79 22.09 2.27 -17.44
C THR E 79 21.47 0.96 -17.89
N LEU E 80 22.25 0.00 -18.39
CA LEU E 80 21.71 -1.36 -18.74
C LEU E 80 21.23 -2.14 -17.54
N TYR E 81 21.97 -1.99 -16.45
CA TYR E 81 21.71 -2.71 -15.23
C TYR E 81 20.50 -2.03 -14.58
N LYS E 82 20.39 -0.73 -14.64
CA LYS E 82 19.16 -0.06 -14.10
C LYS E 82 17.86 -0.64 -14.71
N GLN E 83 17.98 -1.24 -15.89
CA GLN E 83 16.84 -1.66 -16.62
C GLN E 83 16.75 -3.16 -16.63
N GLY E 84 17.71 -3.88 -15.96
CA GLY E 84 17.67 -5.36 -15.91
C GLY E 84 18.25 -6.06 -17.16
N VAL E 85 18.73 -5.26 -18.15
CA VAL E 85 19.39 -5.75 -19.35
C VAL E 85 20.63 -6.58 -19.00
N VAL E 86 21.38 -6.16 -17.95
CA VAL E 86 22.56 -6.86 -17.48
C VAL E 86 22.45 -7.12 -15.93
N ASN E 87 22.98 -8.26 -15.45
CA ASN E 87 23.30 -8.44 -14.02
C ASN E 87 24.78 -8.54 -13.68
N PHE E 88 25.08 -8.35 -12.38
CA PHE E 88 26.18 -9.06 -11.61
C PHE E 88 25.68 -9.84 -10.37
N ALA E 95 34.50 -8.75 -10.28
CA ALA E 95 33.19 -8.13 -10.54
C ALA E 95 32.66 -8.14 -12.07
N LEU E 96 31.98 -9.28 -12.34
CA LEU E 96 31.61 -9.77 -13.69
C LEU E 96 30.15 -9.57 -14.13
N TYR E 97 30.01 -8.96 -15.32
CA TYR E 97 28.74 -8.80 -16.07
C TYR E 97 28.27 -9.91 -17.04
N SER E 98 26.95 -10.02 -17.07
CA SER E 98 26.25 -11.06 -17.76
C SER E 98 24.84 -10.56 -18.12
N LEU E 99 24.25 -11.21 -19.11
CA LEU E 99 22.89 -10.89 -19.55
C LEU E 99 21.89 -10.92 -18.39
N GLY E 100 20.95 -9.96 -18.42
CA GLY E 100 19.83 -9.92 -17.51
C GLY E 100 18.90 -11.12 -17.54
N GLY E 101 18.92 -11.86 -18.64
CA GLY E 101 18.15 -13.12 -18.80
C GLY E 101 18.11 -13.50 -20.27
N GLU E 102 17.44 -14.58 -20.57
CA GLU E 102 17.36 -15.07 -21.94
C GLU E 102 16.55 -14.13 -22.85
N ALA E 103 15.53 -13.50 -22.26
CA ALA E 103 14.75 -12.46 -22.95
C ALA E 103 15.71 -11.50 -23.65
N ILE E 104 16.83 -11.18 -23.02
CA ILE E 104 17.71 -10.11 -23.57
C ILE E 104 18.40 -10.65 -24.87
N ARG E 105 18.85 -11.91 -24.77
CA ARG E 105 19.43 -12.64 -25.92
C ARG E 105 18.53 -12.75 -27.11
N GLN E 106 17.32 -13.19 -26.84
CA GLN E 106 16.27 -13.33 -27.84
C GLN E 106 15.93 -12.00 -28.61
N ILE E 107 15.61 -10.97 -27.83
CA ILE E 107 15.41 -9.66 -28.36
C ILE E 107 16.50 -9.24 -29.34
N MET E 108 17.74 -9.33 -28.83
CA MET E 108 18.98 -9.09 -29.55
C MET E 108 19.07 -9.96 -30.81
N MET E 109 18.89 -11.27 -30.68
CA MET E 109 18.90 -12.15 -31.91
C MET E 109 17.73 -11.84 -32.90
N ILE E 110 16.56 -11.48 -32.34
CA ILE E 110 15.44 -11.08 -33.20
C ILE E 110 15.75 -9.78 -33.96
N ALA E 111 16.33 -8.78 -33.30
CA ALA E 111 16.60 -7.49 -33.91
C ALA E 111 17.60 -7.60 -35.05
N LEU E 112 18.55 -8.55 -34.94
CA LEU E 112 19.63 -8.69 -35.96
C LEU E 112 19.05 -9.36 -37.19
N ALA E 113 18.05 -10.19 -36.95
CA ALA E 113 17.60 -11.07 -38.00
C ALA E 113 16.62 -10.32 -38.92
N HIS E 114 15.58 -9.74 -38.31
CA HIS E 114 14.70 -8.69 -38.96
C HIS E 114 15.46 -7.55 -39.68
N LYS E 115 16.51 -7.04 -39.03
CA LYS E 115 17.38 -5.96 -39.54
C LYS E 115 18.02 -6.25 -40.94
N LYS E 116 19.06 -7.09 -40.99
CA LYS E 116 19.52 -7.59 -42.29
C LYS E 116 18.43 -8.44 -43.01
N GLU E 117 17.66 -7.78 -43.90
CA GLU E 117 16.65 -8.41 -44.79
C GLU E 117 15.65 -7.39 -45.37
N PHE F 10 51.05 -7.70 -21.67
CA PHE F 10 51.20 -6.29 -22.13
C PHE F 10 49.98 -5.43 -21.82
N GLY F 11 48.83 -5.82 -22.38
CA GLY F 11 47.56 -5.02 -22.33
C GLY F 11 46.50 -5.63 -21.42
N TYR F 12 45.25 -5.76 -21.90
CA TYR F 12 44.21 -6.41 -21.10
C TYR F 12 43.19 -7.38 -21.76
N ASP F 13 43.28 -8.63 -21.31
CA ASP F 13 42.44 -9.74 -21.78
C ASP F 13 42.40 -9.74 -23.30
N GLU F 14 43.57 -9.68 -23.93
CA GLU F 14 43.59 -9.34 -25.37
C GLU F 14 42.98 -10.38 -26.35
N GLU F 15 42.96 -11.66 -25.94
CA GLU F 15 42.31 -12.79 -26.66
C GLU F 15 40.80 -12.61 -26.76
N LYS F 16 40.15 -12.58 -25.60
CA LYS F 16 38.72 -12.41 -25.46
C LYS F 16 38.32 -11.16 -26.24
N VAL F 17 39.00 -10.03 -25.98
CA VAL F 17 38.58 -8.75 -26.47
C VAL F 17 38.59 -8.67 -28.01
N ASN F 18 39.69 -9.02 -28.65
CA ASN F 18 39.78 -9.00 -30.13
C ASN F 18 38.89 -10.01 -30.77
N ARG F 19 38.75 -11.09 -30.06
CA ARG F 19 37.72 -12.06 -30.39
C ARG F 19 36.30 -11.55 -30.42
N ILE F 20 35.85 -10.93 -29.30
CA ILE F 20 34.52 -10.32 -29.29
C ILE F 20 34.42 -9.11 -30.30
N GLN F 21 35.53 -8.43 -30.50
CA GLN F 21 35.59 -7.36 -31.55
C GLN F 21 35.38 -7.93 -32.94
N GLY F 22 36.02 -9.08 -33.23
CA GLY F 22 35.74 -9.91 -34.43
C GLY F 22 34.28 -10.36 -34.45
N ASP F 23 33.72 -10.96 -33.41
CA ASP F 23 32.24 -11.00 -33.39
C ASP F 23 31.45 -9.75 -33.84
N LEU F 24 31.77 -8.57 -33.30
CA LEU F 24 30.92 -7.41 -33.51
C LEU F 24 31.10 -6.92 -34.94
N GLN F 25 32.22 -7.30 -35.57
CA GLN F 25 32.35 -7.01 -36.99
C GLN F 25 31.39 -7.79 -37.88
N THR F 26 30.82 -8.92 -37.40
CA THR F 26 30.02 -9.82 -38.33
C THR F 26 28.55 -9.43 -38.43
N VAL F 27 28.20 -8.39 -37.68
CA VAL F 27 26.83 -8.16 -37.28
C VAL F 27 26.55 -6.66 -37.52
N ASP F 28 25.28 -6.32 -37.81
CA ASP F 28 24.93 -4.96 -38.13
C ASP F 28 24.23 -4.38 -36.89
N ILE F 29 25.04 -3.71 -36.08
CA ILE F 29 24.59 -3.39 -34.76
C ILE F 29 23.78 -2.14 -34.90
N SER F 30 24.18 -1.36 -35.88
CA SER F 30 23.48 -0.15 -36.26
C SER F 30 22.03 -0.36 -36.65
N GLY F 31 21.74 -1.41 -37.45
CA GLY F 31 20.36 -1.85 -37.73
C GLY F 31 19.47 -2.21 -36.52
N VAL F 32 20.09 -2.85 -35.56
CA VAL F 32 19.46 -3.09 -34.27
C VAL F 32 18.99 -1.81 -33.52
N SER F 33 19.90 -0.86 -33.25
CA SER F 33 19.60 0.39 -32.59
C SER F 33 18.41 0.98 -33.29
N GLN F 34 18.43 0.96 -34.60
CA GLN F 34 17.56 1.80 -35.27
C GLN F 34 16.11 1.29 -35.24
N ILE F 35 15.94 -0.06 -35.44
CA ILE F 35 14.68 -0.79 -35.16
C ILE F 35 14.18 -0.71 -33.72
N LEU F 36 15.05 -0.96 -32.75
CA LEU F 36 14.63 -0.93 -31.33
C LEU F 36 14.37 0.52 -30.88
N LYS F 37 15.13 1.47 -31.42
CA LYS F 37 14.87 2.90 -31.23
C LYS F 37 13.47 3.29 -31.75
N ALA F 38 13.06 2.79 -32.92
CA ALA F 38 11.69 3.00 -33.41
C ALA F 38 10.61 2.50 -32.43
N ILE F 39 10.84 1.37 -31.75
CA ILE F 39 9.83 0.82 -30.84
C ILE F 39 9.83 1.48 -29.49
N ALA F 40 11.00 1.96 -29.09
CA ALA F 40 11.31 2.39 -27.73
C ALA F 40 10.45 3.56 -27.29
N ASP F 41 10.07 4.42 -28.22
CA ASP F 41 9.12 5.51 -27.96
C ASP F 41 7.80 5.06 -27.31
N GLU F 42 7.45 5.74 -26.23
CA GLU F 42 6.23 5.41 -25.47
C GLU F 42 4.94 5.13 -26.29
N ASN F 43 4.64 6.01 -27.23
CA ASN F 43 3.42 5.87 -28.07
C ASN F 43 3.55 4.93 -29.26
N ARG F 44 4.74 4.90 -29.87
CA ARG F 44 4.97 3.86 -30.87
C ARG F 44 5.04 2.54 -30.21
N ALA F 45 5.54 2.49 -28.96
CA ALA F 45 5.44 1.21 -28.16
C ALA F 45 3.96 0.88 -27.98
N LYS F 46 3.18 1.89 -27.61
CA LYS F 46 1.67 1.83 -27.63
C LYS F 46 1.15 1.42 -29.00
N ILE F 47 1.50 2.21 -30.03
CA ILE F 47 1.08 1.83 -31.37
C ILE F 47 1.45 0.36 -31.52
N THR F 48 2.74 0.03 -31.21
CA THR F 48 3.19 -1.35 -31.44
C THR F 48 2.41 -2.38 -30.64
N TYR F 49 2.32 -2.23 -29.32
CA TYR F 49 1.48 -3.16 -28.54
C TYR F 49 0.09 -3.33 -29.16
N ALA F 50 -0.60 -2.20 -29.42
CA ALA F 50 -2.03 -2.24 -29.89
C ALA F 50 -2.16 -3.21 -31.07
N LEU F 51 -1.23 -3.07 -32.02
CA LEU F 51 -1.13 -3.96 -33.17
C LEU F 51 -0.73 -5.46 -32.92
N CYS F 52 -0.39 -5.78 -31.67
CA CYS F 52 -0.03 -7.20 -31.30
C CYS F 52 -1.20 -8.14 -31.13
N GLN F 53 -2.33 -7.59 -30.62
CA GLN F 53 -3.66 -8.24 -30.42
C GLN F 53 -4.70 -8.12 -31.60
N ASP F 54 -5.08 -6.90 -31.99
CA ASP F 54 -5.98 -6.67 -33.16
C ASP F 54 -5.20 -6.64 -34.48
N GLU F 55 -5.57 -7.51 -35.44
CA GLU F 55 -4.78 -7.74 -36.67
C GLU F 55 -4.39 -6.48 -37.52
N GLU F 56 -5.31 -5.50 -37.59
CA GLU F 56 -5.16 -4.27 -38.41
C GLU F 56 -5.96 -3.06 -37.93
N LEU F 57 -5.29 -1.92 -37.88
CA LEU F 57 -5.92 -0.70 -37.42
C LEU F 57 -6.03 0.37 -38.55
N CYS F 58 -6.84 1.42 -38.30
CA CYS F 58 -6.92 2.62 -39.18
C CYS F 58 -6.17 3.62 -38.36
N VAL F 59 -5.85 4.79 -38.90
CA VAL F 59 -5.08 5.83 -38.16
C VAL F 59 -5.98 6.60 -37.16
N CYS F 60 -7.30 6.45 -37.35
CA CYS F 60 -8.31 7.07 -36.46
C CYS F 60 -8.47 6.39 -35.07
N ASP F 61 -8.68 5.07 -35.07
CA ASP F 61 -8.48 4.16 -33.92
C ASP F 61 -7.24 4.54 -33.13
N ILE F 62 -6.12 4.41 -33.82
CA ILE F 62 -4.86 4.73 -33.28
C ILE F 62 -4.75 6.08 -32.60
N ALA F 63 -5.28 7.13 -33.20
CA ALA F 63 -5.24 8.46 -32.51
C ALA F 63 -6.06 8.49 -31.22
N ASN F 64 -7.02 7.56 -31.16
CA ASN F 64 -8.12 7.77 -30.23
C ASN F 64 -7.69 6.90 -29.06
N ILE F 65 -7.49 5.60 -29.38
CA ILE F 65 -6.65 4.67 -28.56
C ILE F 65 -5.61 5.48 -27.77
N LEU F 66 -4.60 6.03 -28.45
CA LEU F 66 -3.54 6.74 -27.76
C LEU F 66 -4.00 8.00 -27.12
N GLY F 67 -5.21 8.46 -27.46
CA GLY F 67 -5.71 9.79 -27.06
C GLY F 67 -4.88 10.94 -27.58
N VAL F 68 -4.63 10.93 -28.90
CA VAL F 68 -3.90 12.08 -29.53
C VAL F 68 -4.47 12.54 -30.89
N THR F 69 -4.11 13.76 -31.31
CA THR F 69 -4.45 14.32 -32.68
C THR F 69 -4.20 13.30 -33.78
N ILE F 70 -5.03 13.31 -34.85
CA ILE F 70 -4.76 12.44 -36.03
C ILE F 70 -3.32 12.83 -36.57
N ALA F 71 -2.87 14.05 -36.30
CA ALA F 71 -1.55 14.51 -36.72
C ALA F 71 -0.31 13.79 -36.05
N ASN F 72 -0.37 13.59 -34.72
CA ASN F 72 0.64 12.85 -33.98
C ASN F 72 0.50 11.41 -34.35
N ALA F 73 -0.74 10.89 -34.45
CA ALA F 73 -0.91 9.48 -34.86
C ALA F 73 -0.25 9.09 -36.23
N SER F 74 -0.42 9.97 -37.25
CA SER F 74 0.14 9.82 -38.60
C SER F 74 1.68 9.99 -38.52
N HIS F 75 2.14 10.97 -37.77
CA HIS F 75 3.56 11.12 -37.63
C HIS F 75 4.30 9.85 -37.07
N HIS F 76 3.75 9.28 -35.99
CA HIS F 76 4.25 8.05 -35.39
C HIS F 76 4.10 6.83 -36.28
N LEU F 77 3.02 6.82 -37.06
CA LEU F 77 2.72 5.66 -37.90
C LEU F 77 3.69 5.53 -39.10
N ARG F 78 4.26 6.67 -39.49
CA ARG F 78 5.18 6.76 -40.58
C ARG F 78 6.60 6.46 -40.02
N THR F 79 6.90 7.03 -38.84
CA THR F 79 8.19 6.85 -38.18
C THR F 79 8.39 5.40 -37.84
N LEU F 80 7.32 4.63 -37.92
CA LEU F 80 7.37 3.21 -37.62
C LEU F 80 7.29 2.42 -38.91
N TYR F 81 6.76 3.08 -39.94
CA TYR F 81 6.74 2.63 -41.33
C TYR F 81 8.13 2.66 -42.02
N LYS F 82 8.64 3.89 -42.11
CA LYS F 82 10.04 4.14 -42.36
C LYS F 82 10.78 2.94 -41.74
N GLN F 83 10.84 2.83 -40.41
CA GLN F 83 11.70 1.76 -39.82
C GLN F 83 11.28 0.34 -40.09
N GLY F 84 10.25 0.09 -40.87
CA GLY F 84 9.85 -1.31 -41.10
C GLY F 84 9.00 -2.05 -40.04
N VAL F 85 8.53 -1.30 -39.03
CA VAL F 85 7.82 -1.89 -37.89
C VAL F 85 6.35 -2.16 -38.22
N VAL F 86 5.80 -1.27 -39.01
CA VAL F 86 4.45 -1.45 -39.58
C VAL F 86 4.49 -1.44 -41.13
N ASN F 87 3.60 -2.17 -41.77
CA ASN F 87 3.27 -1.80 -43.14
C ASN F 87 1.85 -1.27 -43.24
N PHE F 88 1.42 -1.03 -44.48
CA PHE F 88 0.05 -0.74 -44.88
C PHE F 88 -0.43 -1.67 -46.05
N ARG F 89 -1.55 -1.23 -46.64
CA ARG F 89 -2.29 -1.76 -47.81
C ARG F 89 -3.44 -0.78 -47.73
N LYS F 90 -3.66 0.05 -48.76
CA LYS F 90 -4.70 1.10 -48.70
C LYS F 90 -5.98 0.65 -49.38
N TYR F 97 -3.25 -0.51 -41.89
CA TYR F 97 -2.16 -0.61 -40.90
C TYR F 97 -2.06 -1.94 -40.11
N SER F 98 -0.99 -2.71 -40.39
CA SER F 98 -0.77 -4.05 -39.82
C SER F 98 0.70 -4.24 -39.47
N LEU F 99 0.98 -4.88 -38.32
CA LEU F 99 2.36 -4.94 -37.80
C LEU F 99 3.35 -5.51 -38.81
N GLY F 100 4.53 -4.90 -38.86
CA GLY F 100 5.66 -5.34 -39.69
C GLY F 100 5.78 -6.81 -40.07
N GLY F 101 6.24 -7.68 -39.16
CA GLY F 101 6.43 -9.13 -39.42
C GLY F 101 6.23 -9.81 -38.10
N GLU F 102 6.47 -11.12 -38.04
CA GLU F 102 6.27 -11.81 -36.74
C GLU F 102 7.28 -11.35 -35.67
N ALA F 103 8.46 -11.06 -36.18
CA ALA F 103 9.62 -10.55 -35.43
C ALA F 103 9.28 -9.44 -34.45
N ILE F 104 8.35 -8.55 -34.87
CA ILE F 104 8.03 -7.33 -34.10
C ILE F 104 7.08 -7.73 -33.02
N ARG F 105 6.26 -8.75 -33.31
CA ARG F 105 5.41 -9.35 -32.24
C ARG F 105 6.31 -10.05 -31.18
N GLN F 106 7.12 -11.00 -31.66
CA GLN F 106 8.06 -11.74 -30.83
C GLN F 106 8.88 -10.75 -29.97
N ILE F 107 9.42 -9.64 -30.50
CA ILE F 107 10.11 -8.57 -29.68
C ILE F 107 9.24 -7.92 -28.56
N MET F 108 7.97 -7.58 -28.86
CA MET F 108 7.14 -6.94 -27.84
C MET F 108 6.72 -7.92 -26.71
N MET F 109 6.38 -9.14 -27.08
CA MET F 109 5.98 -10.06 -26.07
C MET F 109 7.16 -10.42 -25.11
N ILE F 110 8.36 -10.64 -25.68
CA ILE F 110 9.55 -10.86 -24.90
C ILE F 110 9.76 -9.70 -23.94
N ALA F 111 9.73 -8.48 -24.48
CA ALA F 111 10.04 -7.26 -23.68
C ALA F 111 8.99 -7.06 -22.62
N LEU F 112 7.77 -7.47 -22.91
CA LEU F 112 6.70 -7.52 -21.89
C LEU F 112 6.94 -8.61 -20.79
N ALA F 113 7.13 -9.90 -21.16
CA ALA F 113 7.61 -10.98 -20.21
C ALA F 113 8.97 -10.75 -19.51
N HIS F 114 9.91 -10.12 -20.19
CA HIS F 114 11.02 -9.70 -19.40
C HIS F 114 10.61 -8.69 -18.25
N LYS F 115 10.06 -7.51 -18.60
CA LYS F 115 9.60 -6.47 -17.62
C LYS F 115 8.85 -7.04 -16.41
N LYS F 116 7.62 -7.53 -16.62
CA LYS F 116 6.82 -8.18 -15.55
C LYS F 116 7.69 -9.02 -14.56
N GLU F 117 8.39 -10.04 -15.08
CA GLU F 117 9.26 -10.88 -14.24
C GLU F 117 10.66 -10.23 -14.10
#